data_3SJT
#
_entry.id   3SJT
#
_cell.length_a   90.337
_cell.length_b   90.337
_cell.length_c   69.329
_cell.angle_alpha   90.00
_cell.angle_beta   90.00
_cell.angle_gamma   120.00
#
_symmetry.space_group_name_H-M   'P 3'
#
loop_
_entity.id
_entity.type
_entity.pdbx_description
1 polymer Arginase-1
2 non-polymer 'MANGANESE (II) ION'
3 non-polymer [(5S)-5-amino-5-carboxyhexyl](trihydroxy)borate
4 water water
#
_entity_poly.entity_id   1
_entity_poly.type   'polypeptide(L)'
_entity_poly.pdbx_seq_one_letter_code
;MSAKSRTIGIIGAPFSKGQPRGGVEEGPTVLRKAGLLEKLKEQECDVKDYGDLPFADIPNDSPFQIVKNPRSVGKASEQL
AGKVAEVKKNGRISLVLGGDHSLAIGSISGHARVHPDLGVIWVDAHTDINTPLTTTSGNLHGQPVSFLLKELKGKIPDVP
GFSWVTPCISAKDIVYIGLRDVDPGEHYILKTLGIKYFSMTEVDRLGIGKVMEETLSYLLGRKKRPIHLSFDVDGLDPSF
TPATGTPVVGGLTYREGLYITEEIYKTGLLSGLDIMEVNPSLGKTPEEVTRTVNTAVAITLACFGLAREGNHKPIDYLNP
PK
;
_entity_poly.pdbx_strand_id   A,B
#
# COMPACT_ATOMS: atom_id res chain seq x y z
N ARG A 6 13.67 -33.04 -14.32
CA ARG A 6 14.08 -32.12 -15.38
C ARG A 6 15.22 -31.20 -14.93
N THR A 7 15.66 -30.33 -15.83
CA THR A 7 16.85 -29.50 -15.59
C THR A 7 16.48 -28.03 -15.39
N ILE A 8 16.82 -27.52 -14.21
CA ILE A 8 16.25 -26.26 -13.72
C ILE A 8 17.30 -25.19 -13.41
N GLY A 9 16.96 -23.94 -13.75
CA GLY A 9 17.78 -22.81 -13.40
C GLY A 9 16.99 -21.85 -12.52
N ILE A 10 17.29 -21.83 -11.23
CA ILE A 10 16.55 -21.00 -10.28
C ILE A 10 17.08 -19.58 -10.26
N ILE A 11 16.16 -18.64 -10.27
CA ILE A 11 16.50 -17.22 -10.18
C ILE A 11 15.55 -16.53 -9.20
N GLY A 12 16.09 -15.95 -8.14
CA GLY A 12 15.30 -15.19 -7.20
C GLY A 12 15.11 -13.75 -7.67
N ALA A 13 13.89 -13.24 -7.56
CA ALA A 13 13.58 -11.88 -7.93
C ALA A 13 12.90 -11.16 -6.77
N PRO A 14 13.67 -10.81 -5.73
CA PRO A 14 13.13 -10.10 -4.57
C PRO A 14 12.72 -8.67 -4.97
N PHE A 15 11.55 -8.54 -5.59
CA PHE A 15 11.10 -7.25 -6.10
C PHE A 15 9.61 -6.99 -5.80
N SER A 16 9.30 -5.77 -5.38
CA SER A 16 7.96 -5.45 -4.89
C SER A 16 7.30 -4.20 -5.52
N LYS A 17 8.07 -3.42 -6.28
CA LYS A 17 7.60 -2.11 -6.72
C LYS A 17 6.53 -2.14 -7.81
N GLY A 18 6.08 -3.33 -8.17
CA GLY A 18 4.91 -3.48 -9.02
C GLY A 18 3.60 -3.31 -8.26
N GLN A 19 3.68 -3.25 -6.93
CA GLN A 19 2.51 -3.01 -6.09
C GLN A 19 2.92 -2.36 -4.74
N PRO A 20 1.94 -1.98 -3.92
CA PRO A 20 2.24 -1.21 -2.69
C PRO A 20 2.92 -1.95 -1.52
N ARG A 21 2.57 -3.20 -1.25
CA ARG A 21 3.06 -3.93 -0.07
C ARG A 21 4.47 -4.53 -0.25
N GLY A 22 5.34 -4.28 0.72
CA GLY A 22 6.73 -4.64 0.59
C GLY A 22 7.09 -6.11 0.78
N GLY A 23 6.35 -6.82 1.61
CA GLY A 23 6.74 -8.15 2.02
C GLY A 23 7.03 -9.17 0.92
N VAL A 24 6.55 -8.89 -0.28
CA VAL A 24 6.67 -9.84 -1.39
C VAL A 24 8.13 -10.01 -1.87
N GLU A 25 8.99 -9.05 -1.53
CA GLU A 25 10.40 -9.20 -1.88
C GLU A 25 11.10 -10.28 -1.04
N GLU A 26 10.39 -10.83 -0.05
CA GLU A 26 10.92 -11.91 0.77
C GLU A 26 10.53 -13.29 0.21
N GLY A 27 9.76 -13.29 -0.87
CA GLY A 27 9.33 -14.53 -1.50
C GLY A 27 10.44 -15.53 -1.76
N PRO A 28 11.49 -15.11 -2.48
CA PRO A 28 12.64 -16.00 -2.70
C PRO A 28 13.23 -16.54 -1.40
N THR A 29 13.39 -15.67 -0.40
CA THR A 29 13.93 -16.11 0.88
C THR A 29 13.12 -17.22 1.55
N VAL A 30 11.81 -17.00 1.67
CA VAL A 30 10.97 -17.96 2.37
C VAL A 30 10.80 -19.26 1.59
N LEU A 31 10.77 -19.16 0.26
CA LEU A 31 10.68 -20.37 -0.56
C LEU A 31 11.96 -21.21 -0.45
N ARG A 32 13.10 -20.54 -0.54
CA ARG A 32 14.39 -21.21 -0.35
C ARG A 32 14.48 -21.87 1.02
N LYS A 33 14.04 -21.16 2.05
CA LYS A 33 14.07 -21.65 3.43
C LYS A 33 13.15 -22.85 3.61
N ALA A 34 12.14 -22.95 2.77
CA ALA A 34 11.21 -24.07 2.80
C ALA A 34 11.86 -25.37 2.31
N GLY A 35 12.98 -25.24 1.62
CA GLY A 35 13.72 -26.39 1.13
C GLY A 35 13.49 -26.65 -0.35
N LEU A 36 13.11 -25.61 -1.09
CA LEU A 36 12.77 -25.77 -2.49
C LEU A 36 13.85 -26.45 -3.32
N LEU A 37 15.10 -26.02 -3.15
CA LEU A 37 16.21 -26.54 -3.93
C LEU A 37 16.52 -27.99 -3.57
N GLU A 38 16.59 -28.25 -2.28
CA GLU A 38 16.87 -29.58 -1.80
C GLU A 38 15.77 -30.54 -2.26
N LYS A 39 14.51 -30.12 -2.16
CA LYS A 39 13.38 -30.94 -2.59
C LYS A 39 13.40 -31.23 -4.10
N LEU A 40 13.79 -30.23 -4.89
CA LEU A 40 13.94 -30.44 -6.33
C LEU A 40 15.01 -31.48 -6.61
N LYS A 41 16.14 -31.37 -5.93
CA LYS A 41 17.20 -32.36 -6.06
C LYS A 41 16.75 -33.77 -5.62
N GLU A 42 15.90 -33.84 -4.60
CA GLU A 42 15.36 -35.12 -4.14
C GLU A 42 14.58 -35.80 -5.27
N GLN A 43 14.07 -35.00 -6.20
CA GLN A 43 13.42 -35.50 -7.40
C GLN A 43 14.49 -35.85 -8.44
N GLU A 44 14.07 -36.02 -9.69
CA GLU A 44 15.03 -36.39 -10.74
C GLU A 44 15.82 -35.16 -11.22
N CYS A 45 15.85 -34.12 -10.40
CA CYS A 45 16.18 -32.77 -10.88
C CYS A 45 17.64 -32.33 -10.84
N ASP A 46 18.11 -31.79 -11.95
CA ASP A 46 19.41 -31.16 -12.05
C ASP A 46 19.22 -29.66 -11.87
N VAL A 47 19.61 -29.15 -10.70
CA VAL A 47 19.29 -27.77 -10.33
C VAL A 47 20.51 -26.86 -10.18
N LYS A 48 20.50 -25.75 -10.90
CA LYS A 48 21.51 -24.70 -10.71
C LYS A 48 20.86 -23.42 -10.21
N ASP A 49 21.33 -22.93 -9.06
CA ASP A 49 20.82 -21.69 -8.51
C ASP A 49 21.59 -20.49 -9.09
N TYR A 50 20.90 -19.64 -9.83
CA TYR A 50 21.53 -18.46 -10.43
C TYR A 50 21.50 -17.27 -9.47
N GLY A 51 21.10 -17.54 -8.23
CA GLY A 51 21.12 -16.53 -7.19
C GLY A 51 19.95 -15.57 -7.19
N ASP A 52 19.91 -14.70 -6.18
CA ASP A 52 18.90 -13.65 -6.09
C ASP A 52 19.39 -12.43 -6.86
N LEU A 53 18.60 -11.95 -7.80
CA LEU A 53 18.95 -10.72 -8.51
C LEU A 53 18.93 -9.56 -7.52
N PRO A 54 19.97 -8.72 -7.56
CA PRO A 54 20.05 -7.49 -6.77
C PRO A 54 19.47 -6.33 -7.55
N PHE A 55 18.34 -5.78 -7.10
CA PHE A 55 17.66 -4.73 -7.84
C PHE A 55 17.99 -3.34 -7.29
N ALA A 56 18.98 -2.70 -7.90
CA ALA A 56 19.44 -1.39 -7.47
C ALA A 56 18.32 -0.40 -7.27
N ASP A 57 18.48 0.41 -6.22
CA ASP A 57 17.54 1.47 -5.89
C ASP A 57 17.42 2.46 -7.05
N ILE A 58 16.18 2.80 -7.39
CA ILE A 58 15.91 3.95 -8.24
C ILE A 58 15.14 4.95 -7.40
N PRO A 59 15.85 5.78 -6.61
CA PRO A 59 15.20 6.69 -5.67
C PRO A 59 14.41 7.78 -6.37
N ASN A 60 14.83 8.17 -7.56
CA ASN A 60 14.04 9.12 -8.35
C ASN A 60 13.13 8.38 -9.33
N ASP A 61 11.91 8.10 -8.89
CA ASP A 61 11.00 7.31 -9.70
C ASP A 61 9.56 7.72 -9.44
N SER A 62 9.23 8.92 -9.91
CA SER A 62 7.90 9.48 -9.74
C SER A 62 6.90 8.89 -10.73
N PRO A 63 5.60 8.92 -10.37
CA PRO A 63 4.57 8.33 -11.22
C PRO A 63 4.66 8.86 -12.64
N PHE A 64 4.40 7.97 -13.60
CA PHE A 64 4.11 8.37 -14.97
C PHE A 64 2.58 8.39 -15.08
N GLN A 65 2.01 9.60 -15.11
CA GLN A 65 0.56 9.75 -15.03
C GLN A 65 0.08 9.07 -13.74
N ILE A 66 -0.67 7.98 -13.89
CA ILE A 66 -1.16 7.19 -12.77
C ILE A 66 -0.18 6.08 -12.36
N VAL A 67 0.67 5.68 -13.29
CA VAL A 67 1.51 4.50 -13.15
C VAL A 67 2.62 4.71 -12.13
N LYS A 68 2.70 3.82 -11.14
CA LYS A 68 3.63 3.99 -10.01
C LYS A 68 4.92 3.22 -10.17
N ASN A 69 6.02 3.81 -9.69
CA ASN A 69 7.35 3.22 -9.75
C ASN A 69 7.73 2.64 -11.12
N PRO A 70 7.47 3.40 -12.21
CA PRO A 70 7.65 2.82 -13.54
C PRO A 70 9.11 2.46 -13.85
N ARG A 71 10.05 3.26 -13.37
CA ARG A 71 11.46 3.03 -13.70
C ARG A 71 12.06 1.83 -12.96
N SER A 72 11.61 1.65 -11.72
CA SER A 72 12.06 0.55 -10.87
C SER A 72 11.52 -0.76 -11.42
N VAL A 73 10.24 -0.74 -11.77
CA VAL A 73 9.58 -1.91 -12.33
C VAL A 73 10.21 -2.29 -13.66
N GLY A 74 10.36 -1.30 -14.53
CA GLY A 74 10.93 -1.48 -15.85
C GLY A 74 12.37 -1.98 -15.86
N LYS A 75 13.17 -1.47 -14.92
CA LYS A 75 14.54 -1.94 -14.76
C LYS A 75 14.61 -3.40 -14.24
N ALA A 76 13.83 -3.70 -13.20
CA ALA A 76 13.82 -5.04 -12.62
C ALA A 76 13.47 -6.12 -13.65
N SER A 77 12.50 -5.81 -14.50
CA SER A 77 12.12 -6.70 -15.60
C SER A 77 13.19 -6.76 -16.68
N GLU A 78 13.85 -5.63 -16.93
CA GLU A 78 14.95 -5.63 -17.88
C GLU A 78 16.07 -6.54 -17.37
N GLN A 79 16.42 -6.41 -16.09
CA GLN A 79 17.45 -7.26 -15.49
C GLN A 79 17.03 -8.73 -15.54
N LEU A 80 15.80 -9.01 -15.13
CA LEU A 80 15.28 -10.38 -15.12
C LEU A 80 15.27 -11.06 -16.48
N ALA A 81 14.86 -10.32 -17.52
CA ALA A 81 14.81 -10.86 -18.87
C ALA A 81 16.19 -11.34 -19.27
N GLY A 82 17.20 -10.52 -18.98
CA GLY A 82 18.57 -10.90 -19.21
C GLY A 82 18.89 -12.22 -18.53
N LYS A 83 18.60 -12.29 -17.22
CA LYS A 83 18.95 -13.47 -16.44
C LYS A 83 18.26 -14.74 -16.94
N VAL A 84 17.00 -14.60 -17.32
CA VAL A 84 16.21 -15.70 -17.87
C VAL A 84 16.81 -16.18 -19.19
N ALA A 85 17.09 -15.23 -20.10
CA ALA A 85 17.68 -15.57 -21.39
C ALA A 85 18.98 -16.35 -21.20
N GLU A 86 19.78 -15.93 -20.21
CA GLU A 86 21.03 -16.64 -19.91
C GLU A 86 20.80 -18.07 -19.42
N VAL A 87 19.76 -18.28 -18.61
CA VAL A 87 19.46 -19.63 -18.15
C VAL A 87 18.83 -20.46 -19.28
N LYS A 88 18.05 -19.83 -20.13
CA LYS A 88 17.48 -20.54 -21.28
C LYS A 88 18.58 -20.97 -22.26
N LYS A 89 19.65 -20.19 -22.36
CA LYS A 89 20.77 -20.51 -23.25
C LYS A 89 21.61 -21.67 -22.73
N ASN A 90 21.62 -21.86 -21.41
CA ASN A 90 22.30 -22.98 -20.78
C ASN A 90 21.48 -24.26 -20.77
N GLY A 91 20.36 -24.24 -21.49
CA GLY A 91 19.51 -25.42 -21.62
C GLY A 91 18.69 -25.79 -20.39
N ARG A 92 18.28 -24.77 -19.63
CA ARG A 92 17.59 -25.03 -18.36
C ARG A 92 16.23 -24.38 -18.30
N ILE A 93 15.32 -25.01 -17.56
CA ILE A 93 14.00 -24.45 -17.30
C ILE A 93 14.12 -23.31 -16.30
N SER A 94 13.80 -22.10 -16.72
CA SER A 94 13.91 -20.96 -15.82
C SER A 94 12.83 -21.02 -14.75
N LEU A 95 13.25 -20.86 -13.50
CA LEU A 95 12.34 -20.85 -12.35
C LEU A 95 12.48 -19.55 -11.59
N VAL A 96 11.60 -18.60 -11.86
CA VAL A 96 11.66 -17.29 -11.24
C VAL A 96 10.83 -17.25 -9.96
N LEU A 97 11.49 -17.02 -8.84
CA LEU A 97 10.80 -16.86 -7.57
C LEU A 97 10.59 -15.38 -7.33
N GLY A 98 9.34 -14.93 -7.38
CA GLY A 98 9.04 -13.54 -7.11
C GLY A 98 8.76 -13.33 -5.64
N GLY A 99 8.48 -12.08 -5.27
CA GLY A 99 8.41 -10.99 -6.22
C GLY A 99 7.01 -10.79 -6.72
N ASP A 100 6.63 -9.55 -7.01
CA ASP A 100 5.31 -9.26 -7.58
C ASP A 100 5.23 -9.62 -9.06
N HIS A 101 4.00 -9.70 -9.58
CA HIS A 101 3.77 -10.20 -10.93
C HIS A 101 4.24 -9.31 -12.10
N SER A 102 4.63 -8.07 -11.80
CA SER A 102 5.17 -7.19 -12.85
C SER A 102 6.41 -7.82 -13.46
N LEU A 103 7.11 -8.64 -12.67
CA LEU A 103 8.32 -9.33 -13.11
C LEU A 103 8.05 -10.22 -14.31
N ALA A 104 6.77 -10.52 -14.53
CA ALA A 104 6.37 -11.35 -15.65
C ALA A 104 6.75 -10.71 -16.98
N ILE A 105 6.78 -9.38 -17.03
CA ILE A 105 7.22 -8.70 -18.25
C ILE A 105 8.64 -9.11 -18.63
N GLY A 106 9.52 -9.20 -17.64
CA GLY A 106 10.90 -9.55 -17.88
C GLY A 106 11.12 -11.04 -18.11
N SER A 107 10.43 -11.87 -17.33
CA SER A 107 10.60 -13.30 -17.43
C SER A 107 10.14 -13.83 -18.79
N ILE A 108 8.93 -13.48 -19.23
CA ILE A 108 8.45 -13.90 -20.53
C ILE A 108 9.33 -13.31 -21.65
N SER A 109 9.70 -12.05 -21.50
CA SER A 109 10.54 -11.37 -22.49
C SER A 109 11.86 -12.10 -22.72
N GLY A 110 12.62 -12.32 -21.66
CA GLY A 110 13.90 -13.00 -21.77
C GLY A 110 13.75 -14.43 -22.26
N HIS A 111 12.65 -15.06 -21.88
CA HIS A 111 12.34 -16.41 -22.32
C HIS A 111 12.13 -16.46 -23.83
N ALA A 112 11.36 -15.50 -24.34
CA ALA A 112 10.99 -15.44 -25.75
C ALA A 112 12.15 -15.04 -26.65
N ARG A 113 13.14 -14.37 -26.06
CA ARG A 113 14.38 -14.08 -26.75
C ARG A 113 14.99 -15.39 -27.23
N VAL A 114 15.01 -16.37 -26.34
CA VAL A 114 15.56 -17.68 -26.67
C VAL A 114 14.56 -18.56 -27.42
N HIS A 115 13.28 -18.50 -27.03
CA HIS A 115 12.25 -19.34 -27.63
C HIS A 115 11.02 -18.55 -28.06
N PRO A 116 11.12 -17.85 -29.19
CA PRO A 116 10.05 -16.93 -29.63
C PRO A 116 8.70 -17.61 -29.86
N ASP A 117 8.70 -18.93 -30.02
CA ASP A 117 7.46 -19.65 -30.33
C ASP A 117 6.72 -20.12 -29.09
N LEU A 118 7.12 -19.60 -27.93
CA LEU A 118 6.55 -20.03 -26.66
C LEU A 118 5.05 -19.76 -26.54
N GLY A 119 4.39 -20.56 -25.72
CA GLY A 119 3.01 -20.32 -25.35
C GLY A 119 2.93 -20.12 -23.85
N VAL A 120 2.01 -19.26 -23.44
CA VAL A 120 1.89 -18.91 -22.04
C VAL A 120 0.61 -19.43 -21.39
N ILE A 121 0.76 -20.05 -20.24
CA ILE A 121 -0.38 -20.35 -19.40
C ILE A 121 -0.27 -19.44 -18.18
N TRP A 122 -1.34 -18.69 -17.91
CA TRP A 122 -1.37 -17.69 -16.84
C TRP A 122 -2.40 -18.11 -15.81
N VAL A 123 -1.94 -18.56 -14.65
CA VAL A 123 -2.83 -19.00 -13.59
C VAL A 123 -2.93 -17.89 -12.55
N ASP A 124 -4.14 -17.41 -12.32
CA ASP A 124 -4.34 -16.14 -11.63
C ASP A 124 -5.82 -15.87 -11.42
N ALA A 125 -6.16 -15.17 -10.33
CA ALA A 125 -7.52 -14.65 -10.13
C ALA A 125 -7.77 -13.41 -11.02
N HIS A 126 -6.68 -12.82 -11.52
CA HIS A 126 -6.71 -11.59 -12.31
C HIS A 126 -6.07 -11.81 -13.67
N THR A 127 -6.47 -10.97 -14.64
CA THR A 127 -5.94 -11.06 -16.01
C THR A 127 -4.63 -10.29 -16.19
N ASP A 128 -4.39 -9.33 -15.29
CA ASP A 128 -3.15 -8.56 -15.32
C ASP A 128 -2.90 -7.95 -16.69
N ILE A 129 -3.96 -7.42 -17.30
CA ILE A 129 -3.90 -6.97 -18.67
C ILE A 129 -4.35 -5.51 -18.78
N ASN A 130 -4.37 -4.79 -17.67
CA ASN A 130 -4.59 -3.34 -17.74
C ASN A 130 -3.45 -2.67 -18.49
N THR A 131 -3.77 -1.64 -19.28
CA THR A 131 -2.72 -0.83 -19.88
C THR A 131 -2.38 0.28 -18.90
N PRO A 132 -1.33 1.07 -19.19
CA PRO A 132 -1.12 2.23 -18.32
C PRO A 132 -2.27 3.23 -18.42
N LEU A 133 -3.13 3.07 -19.43
CA LEU A 133 -4.27 3.96 -19.62
C LEU A 133 -5.60 3.41 -19.08
N THR A 134 -5.70 2.09 -18.95
CA THR A 134 -6.89 1.49 -18.36
C THR A 134 -6.76 1.26 -16.84
N THR A 135 -5.54 1.07 -16.35
CA THR A 135 -5.35 0.83 -14.93
C THR A 135 -6.00 1.95 -14.12
N THR A 136 -6.66 1.61 -13.02
CA THR A 136 -7.12 2.64 -12.09
C THR A 136 -6.22 2.66 -10.85
N SER A 137 -5.55 1.54 -10.58
CA SER A 137 -4.70 1.42 -9.40
C SER A 137 -3.31 2.03 -9.63
N GLY A 138 -2.83 1.94 -10.86
CA GLY A 138 -1.48 2.38 -11.18
C GLY A 138 -0.42 1.34 -10.82
N ASN A 139 -0.84 0.23 -10.23
CA ASN A 139 0.09 -0.82 -9.84
C ASN A 139 0.49 -1.68 -11.02
N LEU A 140 1.78 -1.71 -11.34
CA LEU A 140 2.25 -2.38 -12.54
C LEU A 140 2.12 -3.92 -12.52
N HIS A 141 1.92 -4.51 -11.35
CA HIS A 141 1.72 -5.96 -11.30
C HIS A 141 0.36 -6.36 -11.87
N GLY A 142 -0.49 -5.37 -12.17
CA GLY A 142 -1.79 -5.62 -12.78
C GLY A 142 -1.79 -5.25 -14.26
N GLN A 143 -0.61 -5.03 -14.81
CA GLN A 143 -0.48 -4.66 -16.22
C GLN A 143 0.48 -5.50 -17.08
N PRO A 144 1.19 -6.49 -16.49
CA PRO A 144 2.29 -7.05 -17.29
C PRO A 144 1.87 -7.58 -18.65
N VAL A 145 0.69 -8.15 -18.76
CA VAL A 145 0.29 -8.76 -20.02
C VAL A 145 0.08 -7.72 -21.13
N SER A 146 -0.30 -6.51 -20.77
CA SER A 146 -0.51 -5.46 -21.78
C SER A 146 0.79 -5.09 -22.48
N PHE A 147 1.91 -5.16 -21.73
CA PHE A 147 3.25 -4.86 -22.25
C PHE A 147 3.80 -5.93 -23.20
N LEU A 148 3.23 -7.13 -23.13
CA LEU A 148 3.75 -8.26 -23.89
C LEU A 148 2.95 -8.60 -25.14
N LEU A 149 1.69 -8.16 -25.20
CA LEU A 149 0.82 -8.51 -26.32
C LEU A 149 1.10 -7.63 -27.52
N LYS A 150 1.37 -8.27 -28.66
CA LYS A 150 1.64 -7.54 -29.90
C LYS A 150 0.45 -6.72 -30.34
N GLU A 151 -0.75 -7.25 -30.11
CA GLU A 151 -2.00 -6.60 -30.53
C GLU A 151 -2.24 -5.29 -29.81
N LEU A 152 -1.63 -5.14 -28.63
CA LEU A 152 -1.85 -3.96 -27.80
C LEU A 152 -0.76 -2.92 -28.04
N LYS A 153 0.18 -3.24 -28.93
CA LYS A 153 1.23 -2.31 -29.28
C LYS A 153 0.63 -1.23 -30.17
N GLY A 154 0.30 -0.10 -29.54
CA GLY A 154 -0.46 0.98 -30.12
C GLY A 154 -1.27 1.64 -29.03
N LYS A 155 -1.44 0.92 -27.92
CA LYS A 155 -2.17 1.45 -26.78
C LYS A 155 -1.32 1.50 -25.51
N ILE A 156 -0.02 1.23 -25.65
CA ILE A 156 0.90 1.34 -24.53
C ILE A 156 1.77 2.58 -24.70
N PRO A 157 1.57 3.60 -23.83
CA PRO A 157 2.40 4.81 -23.91
C PRO A 157 3.86 4.49 -23.61
N ASP A 158 4.75 5.39 -23.99
CA ASP A 158 6.16 5.22 -23.63
C ASP A 158 6.32 5.54 -22.15
N VAL A 159 6.27 4.48 -21.35
CA VAL A 159 6.45 4.60 -19.91
C VAL A 159 7.93 4.50 -19.59
N PRO A 160 8.46 5.51 -18.87
CA PRO A 160 9.87 5.46 -18.49
C PRO A 160 10.24 4.13 -17.85
N GLY A 161 11.32 3.53 -18.33
CA GLY A 161 11.79 2.26 -17.80
C GLY A 161 11.50 1.10 -18.72
N PHE A 162 10.64 1.32 -19.71
CA PHE A 162 10.15 0.23 -20.55
C PHE A 162 10.44 0.39 -22.04
N SER A 163 11.40 1.23 -22.40
CA SER A 163 11.70 1.38 -23.83
C SER A 163 12.38 0.13 -24.38
N TRP A 164 12.90 -0.72 -23.50
CA TRP A 164 13.60 -1.94 -23.91
C TRP A 164 12.63 -3.03 -24.34
N VAL A 165 11.35 -2.87 -24.00
CA VAL A 165 10.37 -3.93 -24.20
C VAL A 165 9.93 -4.01 -25.65
N THR A 166 9.85 -5.24 -26.14
CA THR A 166 9.21 -5.51 -27.42
C THR A 166 8.18 -6.60 -27.19
N PRO A 167 6.91 -6.29 -27.44
CA PRO A 167 5.85 -7.29 -27.27
C PRO A 167 6.22 -8.57 -28.00
N CYS A 168 6.07 -9.71 -27.33
CA CYS A 168 6.60 -10.96 -27.88
C CYS A 168 5.57 -12.09 -28.01
N ILE A 169 4.34 -11.85 -27.55
CA ILE A 169 3.29 -12.86 -27.69
C ILE A 169 2.03 -12.30 -28.33
N SER A 170 1.31 -13.17 -29.04
CA SER A 170 0.07 -12.80 -29.67
C SER A 170 -1.08 -13.22 -28.76
N ALA A 171 -2.23 -12.57 -28.95
CA ALA A 171 -3.41 -12.87 -28.16
C ALA A 171 -3.69 -14.36 -28.18
N LYS A 172 -3.26 -15.06 -29.24
CA LYS A 172 -3.54 -16.48 -29.36
C LYS A 172 -2.42 -17.40 -28.87
N ASP A 173 -1.48 -16.87 -28.12
CA ASP A 173 -0.40 -17.69 -27.55
C ASP A 173 -0.54 -17.75 -26.03
N ILE A 174 -1.66 -17.29 -25.50
CA ILE A 174 -1.85 -17.28 -24.05
C ILE A 174 -3.21 -17.85 -23.64
N VAL A 175 -3.21 -18.61 -22.54
CA VAL A 175 -4.45 -19.08 -21.94
C VAL A 175 -4.46 -18.73 -20.45
N TYR A 176 -5.50 -18.05 -20.02
CA TYR A 176 -5.71 -17.79 -18.59
C TYR A 176 -6.49 -18.94 -17.95
N ILE A 177 -6.09 -19.30 -16.73
CA ILE A 177 -6.90 -20.20 -15.91
C ILE A 177 -7.06 -19.62 -14.51
N GLY A 178 -8.31 -19.51 -14.02
CA GLY A 178 -8.60 -19.14 -12.63
C GLY A 178 -9.28 -17.81 -12.40
N LEU A 179 -9.60 -17.10 -13.48
CA LEU A 179 -10.04 -15.72 -13.41
C LEU A 179 -11.30 -15.56 -12.56
N ARG A 180 -11.31 -14.56 -11.69
CA ARG A 180 -12.50 -14.23 -10.90
C ARG A 180 -12.60 -12.78 -10.39
N ASP A 181 -11.63 -11.94 -10.75
CA ASP A 181 -11.74 -10.50 -10.47
C ASP A 181 -11.11 -9.69 -11.60
N VAL A 182 -11.86 -9.53 -12.68
CA VAL A 182 -11.38 -8.90 -13.90
C VAL A 182 -11.96 -7.49 -14.01
N ASP A 183 -11.10 -6.50 -14.22
CA ASP A 183 -11.55 -5.13 -14.39
C ASP A 183 -12.31 -4.97 -15.72
N PRO A 184 -13.20 -3.99 -15.80
CA PRO A 184 -14.00 -3.77 -17.03
C PRO A 184 -13.18 -3.57 -18.31
N GLY A 185 -12.15 -2.73 -18.24
CA GLY A 185 -11.27 -2.53 -19.38
C GLY A 185 -10.54 -3.81 -19.75
N GLU A 186 -10.16 -4.58 -18.74
CA GLU A 186 -9.54 -5.89 -18.98
C GLU A 186 -10.51 -6.84 -19.68
N HIS A 187 -11.76 -6.86 -19.23
CA HIS A 187 -12.75 -7.72 -19.88
C HIS A 187 -12.97 -7.30 -21.33
N TYR A 188 -13.02 -6.00 -21.57
CA TYR A 188 -13.13 -5.48 -22.92
C TYR A 188 -11.98 -6.00 -23.79
N ILE A 189 -10.75 -5.89 -23.29
CA ILE A 189 -9.58 -6.40 -24.01
C ILE A 189 -9.69 -7.91 -24.27
N LEU A 190 -10.15 -8.67 -23.28
CA LEU A 190 -10.30 -10.11 -23.44
C LEU A 190 -11.18 -10.44 -24.64
N LYS A 191 -12.38 -9.86 -24.66
CA LYS A 191 -13.37 -10.19 -25.67
C LYS A 191 -13.02 -9.59 -27.02
N THR A 192 -12.32 -8.46 -27.00
CA THR A 192 -11.95 -7.80 -28.26
C THR A 192 -10.80 -8.50 -28.99
N LEU A 193 -9.78 -8.90 -28.24
CA LEU A 193 -8.63 -9.57 -28.85
C LEU A 193 -8.83 -11.07 -28.98
N GLY A 194 -9.96 -11.57 -28.51
CA GLY A 194 -10.26 -12.99 -28.66
C GLY A 194 -9.36 -13.87 -27.82
N ILE A 195 -9.06 -13.43 -26.61
CA ILE A 195 -8.17 -14.16 -25.73
C ILE A 195 -8.83 -15.41 -25.14
N LYS A 196 -8.08 -16.50 -25.08
CA LYS A 196 -8.59 -17.76 -24.55
C LYS A 196 -8.45 -17.75 -23.04
N TYR A 197 -9.56 -17.97 -22.35
CA TYR A 197 -9.57 -17.98 -20.90
C TYR A 197 -10.52 -19.05 -20.32
N PHE A 198 -10.16 -19.56 -19.16
CA PHE A 198 -11.07 -20.36 -18.38
C PHE A 198 -11.17 -19.68 -17.04
N SER A 199 -12.21 -18.89 -16.85
CA SER A 199 -12.48 -18.25 -15.57
C SER A 199 -12.98 -19.33 -14.60
N MET A 200 -13.18 -18.96 -13.34
CA MET A 200 -13.71 -19.94 -12.39
C MET A 200 -15.04 -20.51 -12.88
N THR A 201 -15.77 -19.72 -13.65
CA THR A 201 -17.04 -20.20 -14.21
C THR A 201 -16.84 -21.40 -15.14
N GLU A 202 -15.85 -21.31 -16.02
CA GLU A 202 -15.56 -22.41 -16.95
C GLU A 202 -15.02 -23.63 -16.22
N VAL A 203 -14.24 -23.37 -15.16
CA VAL A 203 -13.68 -24.46 -14.35
C VAL A 203 -14.83 -25.16 -13.68
N ASP A 204 -15.76 -24.39 -13.12
CA ASP A 204 -16.97 -24.97 -12.55
C ASP A 204 -17.75 -25.78 -13.58
N ARG A 205 -17.91 -25.23 -14.78
CA ARG A 205 -18.72 -25.84 -15.83
C ARG A 205 -18.09 -27.13 -16.34
N LEU A 206 -16.79 -27.06 -16.65
CA LEU A 206 -16.13 -28.14 -17.37
C LEU A 206 -15.42 -29.16 -16.50
N GLY A 207 -14.93 -28.73 -15.33
CA GLY A 207 -14.04 -29.52 -14.52
C GLY A 207 -12.62 -29.24 -14.94
N ILE A 208 -11.68 -29.25 -13.99
CA ILE A 208 -10.29 -28.93 -14.30
C ILE A 208 -9.66 -29.89 -15.31
N GLY A 209 -10.20 -31.10 -15.41
CA GLY A 209 -9.72 -32.07 -16.39
C GLY A 209 -9.88 -31.58 -17.83
N LYS A 210 -11.11 -31.23 -18.19
CA LYS A 210 -11.41 -30.72 -19.53
C LYS A 210 -10.70 -29.39 -19.77
N VAL A 211 -10.69 -28.52 -18.76
CA VAL A 211 -9.95 -27.26 -18.84
C VAL A 211 -8.49 -27.47 -19.30
N MET A 212 -7.77 -28.37 -18.65
CA MET A 212 -6.39 -28.63 -19.02
C MET A 212 -6.31 -29.28 -20.40
N GLU A 213 -7.24 -30.19 -20.67
CA GLU A 213 -7.32 -30.80 -21.98
C GLU A 213 -7.39 -29.71 -23.04
N GLU A 214 -8.37 -28.83 -22.92
CA GLU A 214 -8.56 -27.78 -23.90
C GLU A 214 -7.42 -26.76 -23.93
N THR A 215 -6.89 -26.42 -22.77
CA THR A 215 -5.82 -25.44 -22.71
C THR A 215 -4.57 -25.91 -23.46
N LEU A 216 -4.22 -27.17 -23.27
CA LEU A 216 -3.03 -27.72 -23.91
C LEU A 216 -3.32 -27.93 -25.39
N SER A 217 -4.55 -28.37 -25.68
CA SER A 217 -4.96 -28.58 -27.06
C SER A 217 -4.89 -27.24 -27.79
N TYR A 218 -5.32 -26.19 -27.11
CA TYR A 218 -5.32 -24.84 -27.68
C TYR A 218 -3.90 -24.34 -27.98
N LEU A 219 -2.98 -24.58 -27.06
CA LEU A 219 -1.60 -24.10 -27.24
C LEU A 219 -0.71 -25.05 -28.07
N LEU A 220 -0.98 -26.35 -27.98
CA LEU A 220 -0.09 -27.35 -28.57
C LEU A 220 -0.69 -28.03 -29.79
N GLY A 221 -1.93 -27.69 -30.11
CA GLY A 221 -2.63 -28.32 -31.21
C GLY A 221 -1.88 -28.23 -32.52
N ARG A 222 -1.67 -27.01 -33.02
CA ARG A 222 -0.95 -26.79 -34.27
C ARG A 222 0.40 -27.48 -34.26
N LYS A 223 1.23 -27.14 -33.27
CA LYS A 223 2.50 -27.82 -33.11
C LYS A 223 3.08 -27.69 -31.71
N LYS A 224 4.03 -28.55 -31.37
CA LYS A 224 4.72 -28.46 -30.10
C LYS A 224 5.53 -27.16 -30.05
N ARG A 225 5.54 -26.55 -28.87
CA ARG A 225 6.28 -25.32 -28.60
C ARG A 225 6.53 -25.22 -27.09
N PRO A 226 7.59 -24.51 -26.68
CA PRO A 226 7.88 -24.47 -25.25
C PRO A 226 6.77 -23.77 -24.45
N ILE A 227 6.53 -24.21 -23.23
CA ILE A 227 5.47 -23.61 -22.40
C ILE A 227 6.01 -22.69 -21.29
N HIS A 228 5.40 -21.51 -21.18
CA HIS A 228 5.68 -20.62 -20.06
C HIS A 228 4.48 -20.60 -19.12
N LEU A 229 4.69 -21.08 -17.89
CA LEU A 229 3.67 -21.03 -16.84
C LEU A 229 3.95 -19.87 -15.90
N SER A 230 3.08 -18.86 -15.93
CA SER A 230 3.18 -17.78 -14.98
C SER A 230 2.13 -18.00 -13.89
N PHE A 231 2.58 -18.45 -12.73
CA PHE A 231 1.68 -18.83 -11.65
C PHE A 231 1.65 -17.76 -10.55
N ASP A 232 0.50 -17.09 -10.44
CA ASP A 232 0.24 -16.15 -9.37
C ASP A 232 -0.45 -16.96 -8.28
N VAL A 233 0.13 -16.98 -7.09
CA VAL A 233 -0.39 -17.85 -6.05
C VAL A 233 -1.82 -17.47 -5.67
N ASP A 234 -2.25 -16.24 -5.98
CA ASP A 234 -3.62 -15.84 -5.69
C ASP A 234 -4.62 -16.46 -6.68
N GLY A 235 -4.11 -17.22 -7.64
CA GLY A 235 -4.97 -18.00 -8.51
C GLY A 235 -5.71 -19.04 -7.70
N LEU A 236 -5.01 -19.57 -6.69
CA LEU A 236 -5.57 -20.55 -5.76
C LEU A 236 -6.39 -19.85 -4.69
N ASP A 237 -7.38 -20.56 -4.14
CA ASP A 237 -8.23 -20.00 -3.07
C ASP A 237 -7.38 -19.57 -1.87
N PRO A 238 -7.77 -18.46 -1.22
CA PRO A 238 -7.00 -17.95 -0.08
C PRO A 238 -7.01 -18.91 1.12
N SER A 239 -7.78 -20.00 1.03
CA SER A 239 -7.77 -21.00 2.08
C SER A 239 -6.52 -21.86 1.93
N PHE A 240 -5.85 -21.72 0.80
CA PHE A 240 -4.58 -22.39 0.56
C PHE A 240 -3.39 -21.42 0.50
N THR A 241 -3.61 -20.25 -0.11
CA THR A 241 -2.54 -19.24 -0.24
C THR A 241 -2.96 -17.87 0.28
N PRO A 242 -3.22 -17.76 1.59
CA PRO A 242 -3.69 -16.53 2.25
C PRO A 242 -2.68 -15.38 2.24
N ALA A 243 -1.39 -15.72 2.31
CA ALA A 243 -0.33 -14.73 2.41
C ALA A 243 0.05 -14.18 1.03
N THR A 244 -0.83 -13.35 0.49
CA THR A 244 -0.68 -12.80 -0.84
C THR A 244 -1.45 -11.49 -0.87
N GLY A 245 -1.03 -10.56 -1.72
CA GLY A 245 -1.57 -9.20 -1.72
C GLY A 245 -3.01 -9.01 -2.14
N THR A 246 -3.45 -9.71 -3.17
CA THR A 246 -4.82 -9.52 -3.63
C THR A 246 -5.62 -10.80 -3.66
N PRO A 247 -5.95 -11.36 -2.48
CA PRO A 247 -6.67 -12.62 -2.43
C PRO A 247 -8.13 -12.43 -2.86
N VAL A 248 -8.67 -13.39 -3.61
CA VAL A 248 -10.08 -13.39 -3.99
C VAL A 248 -10.69 -14.75 -3.68
N VAL A 249 -11.80 -14.75 -2.96
CA VAL A 249 -12.43 -16.01 -2.57
C VAL A 249 -12.99 -16.76 -3.78
N GLY A 250 -13.14 -18.07 -3.63
CA GLY A 250 -13.70 -18.88 -4.69
C GLY A 250 -12.66 -19.32 -5.70
N GLY A 251 -11.44 -19.51 -5.22
CA GLY A 251 -10.33 -19.84 -6.10
C GLY A 251 -10.20 -21.31 -6.45
N LEU A 252 -9.19 -21.60 -7.26
CA LEU A 252 -8.79 -22.97 -7.57
C LEU A 252 -8.39 -23.65 -6.27
N THR A 253 -8.75 -24.92 -6.16
CA THR A 253 -8.39 -25.70 -5.00
C THR A 253 -6.90 -26.11 -5.06
N TYR A 254 -6.37 -26.52 -3.93
CA TYR A 254 -5.03 -27.10 -3.84
C TYR A 254 -4.93 -28.24 -4.85
N ARG A 255 -5.96 -29.11 -4.90
CA ARG A 255 -6.01 -30.22 -5.85
C ARG A 255 -5.99 -29.78 -7.32
N GLU A 256 -6.81 -28.78 -7.68
CA GLU A 256 -6.79 -28.20 -9.03
C GLU A 256 -5.44 -27.60 -9.35
N GLY A 257 -4.89 -26.87 -8.39
CA GLY A 257 -3.53 -26.35 -8.52
C GLY A 257 -2.52 -27.42 -8.91
N LEU A 258 -2.54 -28.55 -8.22
CA LEU A 258 -1.62 -29.64 -8.50
C LEU A 258 -1.94 -30.32 -9.81
N TYR A 259 -3.22 -30.37 -10.14
CA TYR A 259 -3.62 -31.04 -11.36
C TYR A 259 -3.09 -30.29 -12.58
N ILE A 260 -3.30 -28.98 -12.59
CA ILE A 260 -2.78 -28.11 -13.63
C ILE A 260 -1.28 -28.36 -13.88
N THR A 261 -0.49 -28.29 -12.81
CA THR A 261 0.95 -28.37 -12.90
C THR A 261 1.45 -29.78 -13.23
N GLU A 262 0.78 -30.80 -12.72
CA GLU A 262 1.09 -32.20 -13.05
C GLU A 262 0.87 -32.43 -14.53
N GLU A 263 -0.23 -31.91 -15.06
CA GLU A 263 -0.52 -32.05 -16.48
C GLU A 263 0.48 -31.28 -17.35
N ILE A 264 0.89 -30.12 -16.89
CA ILE A 264 1.87 -29.32 -17.61
C ILE A 264 3.19 -30.07 -17.63
N TYR A 265 3.59 -30.63 -16.48
CA TYR A 265 4.81 -31.41 -16.43
C TYR A 265 4.79 -32.53 -17.45
N LYS A 266 3.67 -33.25 -17.50
CA LYS A 266 3.54 -34.38 -18.40
C LYS A 266 3.68 -34.06 -19.90
N THR A 267 3.51 -32.80 -20.28
CA THR A 267 3.70 -32.42 -21.67
C THR A 267 5.19 -32.54 -22.04
N GLY A 268 6.05 -32.37 -21.05
CA GLY A 268 7.48 -32.42 -21.28
C GLY A 268 7.99 -31.14 -21.93
N LEU A 269 7.09 -30.16 -22.08
CA LEU A 269 7.41 -28.90 -22.75
C LEU A 269 7.50 -27.69 -21.81
N LEU A 270 7.40 -27.91 -20.50
CA LEU A 270 7.63 -26.79 -19.57
C LEU A 270 9.02 -26.20 -19.81
N SER A 271 9.07 -24.90 -20.04
CA SER A 271 10.28 -24.22 -20.49
C SER A 271 10.60 -23.05 -19.54
N GLY A 272 9.55 -22.39 -19.06
CA GLY A 272 9.70 -21.31 -18.11
C GLY A 272 8.62 -21.30 -17.04
N LEU A 273 8.99 -20.92 -15.82
CA LEU A 273 8.06 -20.94 -14.72
C LEU A 273 8.25 -19.74 -13.79
N ASP A 274 7.12 -19.10 -13.46
CA ASP A 274 7.08 -18.02 -12.47
C ASP A 274 6.22 -18.47 -11.30
N ILE A 275 6.76 -18.40 -10.08
CA ILE A 275 5.94 -18.56 -8.89
C ILE A 275 5.93 -17.19 -8.20
N MET A 276 4.78 -16.51 -8.25
CA MET A 276 4.70 -15.09 -7.94
C MET A 276 3.70 -14.71 -6.86
N GLU A 277 4.00 -13.59 -6.21
CA GLU A 277 3.09 -12.92 -5.28
C GLU A 277 2.97 -13.58 -3.91
N VAL A 278 3.92 -14.42 -3.53
CA VAL A 278 3.95 -14.93 -2.16
C VAL A 278 4.48 -13.82 -1.25
N ASN A 279 3.67 -13.41 -0.28
CA ASN A 279 4.04 -12.33 0.63
C ASN A 279 3.86 -12.71 2.08
N PRO A 280 4.97 -13.14 2.73
CA PRO A 280 4.90 -13.65 4.10
C PRO A 280 4.33 -12.61 5.08
N SER A 281 4.67 -11.34 4.86
CA SER A 281 4.24 -10.24 5.73
C SER A 281 2.75 -10.16 5.93
N LEU A 282 2.00 -10.75 4.99
CA LEU A 282 0.55 -10.60 4.98
C LEU A 282 -0.17 -11.78 5.64
N GLY A 283 0.60 -12.75 6.12
CA GLY A 283 0.02 -13.85 6.87
C GLY A 283 -0.52 -13.38 8.21
N LYS A 284 -1.80 -13.57 8.44
CA LYS A 284 -2.42 -13.17 9.69
C LYS A 284 -1.84 -13.94 10.87
N THR A 285 -1.21 -15.08 10.58
CA THR A 285 -0.62 -15.94 11.60
C THR A 285 0.62 -16.61 11.01
N PRO A 286 1.50 -17.16 11.87
CA PRO A 286 2.63 -17.94 11.33
C PRO A 286 2.20 -19.10 10.43
N GLU A 287 1.10 -19.76 10.79
CA GLU A 287 0.63 -20.91 10.01
C GLU A 287 0.07 -20.52 8.64
N GLU A 288 -0.51 -19.33 8.57
CA GLU A 288 -0.96 -18.82 7.28
C GLU A 288 0.23 -18.61 6.36
N VAL A 289 1.36 -18.23 6.93
CA VAL A 289 2.58 -18.03 6.17
C VAL A 289 3.15 -19.35 5.67
N THR A 290 3.27 -20.32 6.57
CA THR A 290 3.77 -21.65 6.19
C THR A 290 2.79 -22.35 5.24
N ARG A 291 1.48 -22.15 5.45
CA ARG A 291 0.46 -22.72 4.59
C ARG A 291 0.64 -22.25 3.14
N THR A 292 0.94 -20.96 2.97
CA THR A 292 1.10 -20.36 1.66
C THR A 292 2.36 -20.85 0.99
N VAL A 293 3.46 -20.80 1.74
CA VAL A 293 4.78 -21.25 1.26
C VAL A 293 4.77 -22.75 0.95
N ASN A 294 4.12 -23.53 1.81
CA ASN A 294 3.98 -24.96 1.56
C ASN A 294 3.24 -25.27 0.24
N THR A 295 2.15 -24.55 0.00
CA THR A 295 1.39 -24.72 -1.23
C THR A 295 2.25 -24.32 -2.43
N ALA A 296 2.94 -23.19 -2.33
CA ALA A 296 3.84 -22.74 -3.39
C ALA A 296 4.91 -23.76 -3.76
N VAL A 297 5.54 -24.37 -2.76
CA VAL A 297 6.55 -25.39 -3.03
C VAL A 297 5.89 -26.58 -3.74
N ALA A 298 4.70 -26.96 -3.26
CA ALA A 298 3.96 -28.09 -3.78
C ALA A 298 3.67 -27.94 -5.26
N ILE A 299 3.17 -26.75 -5.61
CA ILE A 299 2.85 -26.46 -7.00
C ILE A 299 4.12 -26.55 -7.85
N THR A 300 5.22 -26.04 -7.29
CA THR A 300 6.49 -26.04 -7.99
C THR A 300 7.02 -27.45 -8.21
N LEU A 301 6.99 -28.27 -7.15
CA LEU A 301 7.43 -29.65 -7.24
C LEU A 301 6.65 -30.44 -8.30
N ALA A 302 5.34 -30.20 -8.38
CA ALA A 302 4.51 -30.83 -9.40
C ALA A 302 4.97 -30.45 -10.82
N CYS A 303 5.37 -29.20 -10.99
CA CYS A 303 5.83 -28.70 -12.28
C CYS A 303 7.04 -29.50 -12.77
N PHE A 304 7.81 -30.03 -11.83
CA PHE A 304 9.02 -30.76 -12.17
C PHE A 304 8.99 -32.25 -11.85
N GLY A 305 7.78 -32.82 -11.84
CA GLY A 305 7.64 -34.26 -11.90
C GLY A 305 6.99 -34.93 -10.72
N LEU A 306 6.94 -34.27 -9.57
CA LEU A 306 6.35 -34.90 -8.39
C LEU A 306 4.86 -35.18 -8.63
N ALA A 307 4.49 -36.46 -8.61
CA ALA A 307 3.13 -36.89 -8.95
C ALA A 307 2.39 -37.46 -7.75
N ARG A 308 1.10 -37.22 -7.69
CA ARG A 308 0.32 -37.71 -6.55
C ARG A 308 0.20 -39.22 -6.53
N GLU A 309 0.23 -39.86 -7.70
CA GLU A 309 0.16 -41.31 -7.77
C GLU A 309 1.45 -41.97 -7.27
N GLY A 310 2.51 -41.18 -7.21
CA GLY A 310 3.81 -41.67 -6.76
C GLY A 310 4.88 -41.53 -7.82
N ASN A 311 6.14 -41.60 -7.39
CA ASN A 311 7.27 -41.58 -8.30
C ASN A 311 8.21 -42.73 -7.92
N HIS A 312 8.90 -43.30 -8.90
CA HIS A 312 9.96 -44.26 -8.59
C HIS A 312 11.11 -44.15 -9.59
N LYS A 313 12.31 -44.47 -9.12
CA LYS A 313 13.49 -44.44 -9.98
C LYS A 313 13.48 -45.65 -10.91
N PRO A 314 14.17 -45.53 -12.07
CA PRO A 314 14.26 -46.61 -13.06
C PRO A 314 15.03 -47.84 -12.55
N ILE A 315 14.57 -48.43 -11.44
CA ILE A 315 15.18 -49.64 -10.88
C ILE A 315 14.11 -50.65 -10.45
N ASP A 316 14.54 -51.84 -10.09
CA ASP A 316 13.65 -52.90 -9.60
C ASP A 316 13.60 -52.89 -8.08
N TYR A 317 12.56 -52.25 -7.53
CA TYR A 317 12.41 -52.11 -6.08
C TYR A 317 12.14 -53.43 -5.33
N LEU A 318 11.75 -54.46 -6.08
CA LEU A 318 11.47 -55.76 -5.47
C LEU A 318 12.70 -56.65 -5.44
N ARG B 6 -13.61 28.69 3.83
CA ARG B 6 -14.86 27.97 3.74
C ARG B 6 -15.60 28.14 5.08
N THR B 7 -16.69 27.39 5.28
CA THR B 7 -17.46 27.47 6.53
C THR B 7 -16.80 26.60 7.60
N ILE B 8 -16.63 27.14 8.81
CA ILE B 8 -15.79 26.49 9.82
C ILE B 8 -16.51 26.13 11.13
N GLY B 9 -16.15 24.98 11.69
CA GLY B 9 -16.68 24.54 12.98
C GLY B 9 -15.57 24.24 13.99
N ILE B 10 -15.34 25.18 14.89
CA ILE B 10 -14.23 25.08 15.85
C ILE B 10 -14.53 24.22 17.09
N ILE B 11 -13.62 23.28 17.36
CA ILE B 11 -13.73 22.42 18.53
C ILE B 11 -12.44 22.45 19.32
N GLY B 12 -12.53 22.86 20.58
CA GLY B 12 -11.40 22.82 21.49
C GLY B 12 -11.36 21.49 22.21
N ALA B 13 -10.17 20.90 22.29
CA ALA B 13 -10.01 19.61 22.95
C ALA B 13 -8.81 19.70 23.87
N PRO B 14 -8.98 20.33 25.04
CA PRO B 14 -7.91 20.48 26.04
C PRO B 14 -7.69 19.15 26.77
N PHE B 15 -6.96 18.25 26.13
CA PHE B 15 -6.74 16.89 26.65
C PHE B 15 -5.26 16.49 26.50
N SER B 16 -4.70 15.90 27.56
CA SER B 16 -3.27 15.63 27.63
C SER B 16 -2.94 14.18 27.92
N LYS B 17 -3.94 13.40 28.31
CA LYS B 17 -3.71 12.04 28.81
C LYS B 17 -3.17 11.03 27.78
N GLY B 18 -3.00 11.44 26.53
CA GLY B 18 -2.38 10.60 25.52
C GLY B 18 -0.87 10.62 25.62
N GLN B 19 -0.34 11.48 26.47
CA GLN B 19 1.10 11.58 26.67
C GLN B 19 1.39 12.14 28.08
N PRO B 20 2.67 12.14 28.50
CA PRO B 20 3.04 12.49 29.87
C PRO B 20 2.97 13.98 30.25
N ARG B 21 3.10 14.90 29.31
CA ARG B 21 3.18 16.33 29.65
C ARG B 21 1.82 17.02 29.69
N GLY B 22 1.50 17.61 30.83
CA GLY B 22 0.20 18.20 31.06
C GLY B 22 -0.11 19.47 30.29
N GLY B 23 0.93 20.16 29.81
CA GLY B 23 0.75 21.46 29.18
C GLY B 23 -0.08 21.51 27.89
N VAL B 24 -0.11 20.42 27.16
CA VAL B 24 -0.76 20.38 25.86
C VAL B 24 -2.27 20.71 25.92
N GLU B 25 -2.91 20.50 27.06
CA GLU B 25 -4.33 20.82 27.16
C GLU B 25 -4.57 22.34 27.13
N GLU B 26 -3.49 23.11 27.29
CA GLU B 26 -3.60 24.56 27.19
C GLU B 26 -3.44 25.02 25.75
N GLY B 27 -3.47 24.07 24.82
CA GLY B 27 -3.40 24.39 23.40
C GLY B 27 -4.56 25.24 22.92
N PRO B 28 -5.79 24.75 23.12
CA PRO B 28 -6.97 25.47 22.61
C PRO B 28 -7.02 26.89 23.18
N THR B 29 -6.67 27.02 24.44
CA THR B 29 -6.75 28.29 25.11
C THR B 29 -5.87 29.32 24.45
N VAL B 30 -4.60 28.96 24.25
CA VAL B 30 -3.62 29.90 23.75
C VAL B 30 -3.80 30.18 22.25
N LEU B 31 -4.28 29.18 21.53
CA LEU B 31 -4.59 29.38 20.11
C LEU B 31 -5.69 30.42 19.95
N ARG B 32 -6.61 30.45 20.91
CA ARG B 32 -7.70 31.44 20.91
C ARG B 32 -7.23 32.82 21.36
N LYS B 33 -6.40 32.87 22.40
CA LYS B 33 -5.83 34.13 22.87
C LYS B 33 -4.91 34.77 21.82
N ALA B 34 -4.70 34.08 20.70
CA ALA B 34 -3.83 34.58 19.63
C ALA B 34 -4.62 35.23 18.50
N GLY B 35 -5.93 34.98 18.48
CA GLY B 35 -6.80 35.66 17.54
C GLY B 35 -7.20 34.81 16.35
N LEU B 36 -7.03 33.51 16.47
CA LEU B 36 -7.35 32.59 15.39
C LEU B 36 -8.77 32.78 14.89
N LEU B 37 -9.71 33.07 15.78
CA LEU B 37 -11.11 33.19 15.39
C LEU B 37 -11.40 34.49 14.65
N GLU B 38 -10.88 35.58 15.20
CA GLU B 38 -10.96 36.88 14.57
C GLU B 38 -10.26 36.83 13.21
N LYS B 39 -8.99 36.42 13.24
CA LYS B 39 -8.17 36.32 12.04
C LYS B 39 -8.87 35.52 10.93
N LEU B 40 -9.60 34.48 11.33
CA LEU B 40 -10.38 33.67 10.38
C LEU B 40 -11.55 34.46 9.80
N LYS B 41 -12.16 35.31 10.63
CA LYS B 41 -13.28 36.13 10.18
C LYS B 41 -12.79 37.26 9.27
N GLU B 42 -11.55 37.70 9.47
CA GLU B 42 -10.93 38.67 8.57
C GLU B 42 -10.83 38.08 7.18
N GLN B 43 -10.69 36.76 7.14
CA GLN B 43 -10.69 36.05 5.87
C GLN B 43 -12.12 35.81 5.40
N GLU B 44 -12.27 34.94 4.42
CA GLU B 44 -13.57 34.71 3.81
C GLU B 44 -14.54 33.99 4.76
N CYS B 45 -14.16 33.88 6.03
CA CYS B 45 -14.65 32.79 6.87
C CYS B 45 -15.94 32.99 7.67
N ASP B 46 -16.84 32.02 7.53
CA ASP B 46 -18.00 31.86 8.41
C ASP B 46 -17.61 30.88 9.51
N VAL B 47 -17.28 31.42 10.68
CA VAL B 47 -16.83 30.60 11.80
C VAL B 47 -17.90 30.46 12.88
N LYS B 48 -18.17 29.23 13.31
CA LYS B 48 -18.91 29.00 14.55
C LYS B 48 -18.05 28.20 15.52
N ASP B 49 -17.94 28.69 16.76
CA ASP B 49 -17.10 28.03 17.76
C ASP B 49 -17.91 27.15 18.71
N TYR B 50 -17.79 25.83 18.54
CA TYR B 50 -18.53 24.87 19.37
C TYR B 50 -18.00 24.72 20.78
N GLY B 51 -17.03 25.56 21.15
CA GLY B 51 -16.49 25.57 22.50
C GLY B 51 -15.51 24.45 22.76
N ASP B 52 -14.99 24.42 24.00
CA ASP B 52 -14.05 23.39 24.44
C ASP B 52 -14.78 22.22 25.06
N LEU B 53 -14.44 21.00 24.62
CA LEU B 53 -15.06 19.80 25.17
C LEU B 53 -14.70 19.67 26.65
N PRO B 54 -15.69 19.34 27.47
CA PRO B 54 -15.42 19.04 28.88
C PRO B 54 -15.01 17.58 28.99
N PHE B 55 -13.75 17.33 29.31
CA PHE B 55 -13.29 15.96 29.54
C PHE B 55 -13.30 15.71 31.03
N ALA B 56 -14.07 14.71 31.44
CA ALA B 56 -14.16 14.40 32.85
C ALA B 56 -13.03 13.49 33.28
N ASP B 57 -12.46 13.77 34.44
CA ASP B 57 -11.41 12.93 35.02
C ASP B 57 -11.98 11.54 35.28
N ILE B 58 -11.33 10.52 34.71
CA ILE B 58 -11.69 9.13 35.00
C ILE B 58 -10.81 8.63 36.14
N PRO B 59 -11.30 8.76 37.39
CA PRO B 59 -10.54 8.62 38.63
C PRO B 59 -9.59 7.43 38.57
N ASN B 60 -10.18 6.25 38.41
CA ASN B 60 -9.45 5.00 38.37
C ASN B 60 -9.26 4.55 36.93
N ASP B 61 -8.19 5.03 36.30
CA ASP B 61 -7.88 4.68 34.91
C ASP B 61 -6.63 3.81 34.83
N SER B 62 -6.72 2.60 35.37
CA SER B 62 -5.60 1.68 35.38
C SER B 62 -5.15 1.37 33.96
N PRO B 63 -3.84 1.11 33.77
CA PRO B 63 -3.30 0.80 32.44
C PRO B 63 -3.79 -0.52 31.84
N PHE B 64 -3.69 -0.60 30.51
CA PHE B 64 -3.84 -1.84 29.79
C PHE B 64 -2.45 -2.21 29.35
N GLN B 65 -1.92 -3.32 29.87
CA GLN B 65 -0.53 -3.68 29.64
C GLN B 65 0.37 -2.47 29.96
N ILE B 66 1.12 -1.96 28.97
CA ILE B 66 1.96 -0.78 29.19
C ILE B 66 1.29 0.54 28.75
N VAL B 67 0.05 0.44 28.30
CA VAL B 67 -0.70 1.58 27.81
C VAL B 67 -1.35 2.41 28.93
N LYS B 68 -0.95 3.67 29.03
CA LYS B 68 -1.41 4.56 30.09
C LYS B 68 -2.72 5.28 29.75
N ASN B 69 -3.56 5.49 30.76
CA ASN B 69 -4.84 6.20 30.63
C ASN B 69 -5.72 5.77 29.45
N PRO B 70 -5.84 4.45 29.21
CA PRO B 70 -6.65 4.00 28.08
C PRO B 70 -8.10 4.49 28.15
N ARG B 71 -8.69 4.48 29.34
CA ARG B 71 -10.09 4.82 29.48
C ARG B 71 -10.38 6.28 29.19
N SER B 72 -9.55 7.18 29.72
CA SER B 72 -9.83 8.60 29.52
C SER B 72 -9.42 9.06 28.13
N VAL B 73 -8.45 8.40 27.51
CA VAL B 73 -8.12 8.69 26.11
C VAL B 73 -9.24 8.21 25.20
N GLY B 74 -9.63 6.94 25.34
CA GLY B 74 -10.74 6.41 24.58
C GLY B 74 -12.00 7.23 24.80
N LYS B 75 -12.22 7.66 26.04
CA LYS B 75 -13.38 8.49 26.36
C LYS B 75 -13.27 9.87 25.68
N ALA B 76 -12.10 10.48 25.78
CA ALA B 76 -11.87 11.77 25.15
C ALA B 76 -12.12 11.71 23.64
N SER B 77 -11.68 10.65 22.99
CA SER B 77 -11.87 10.51 21.55
C SER B 77 -13.32 10.22 21.21
N GLU B 78 -14.03 9.52 22.08
CA GLU B 78 -15.41 9.21 21.78
C GLU B 78 -16.27 10.47 21.82
N GLN B 79 -16.06 11.32 22.83
CA GLN B 79 -16.73 12.62 22.86
C GLN B 79 -16.48 13.39 21.58
N LEU B 80 -15.21 13.53 21.22
CA LEU B 80 -14.78 14.33 20.07
C LEU B 80 -15.42 13.87 18.77
N ALA B 81 -15.47 12.55 18.56
CA ALA B 81 -16.05 11.99 17.33
C ALA B 81 -17.50 12.41 17.15
N GLY B 82 -18.25 12.44 18.24
CA GLY B 82 -19.64 12.87 18.18
C GLY B 82 -19.71 14.36 17.91
N LYS B 83 -18.77 15.12 18.47
CA LYS B 83 -18.71 16.57 18.27
C LYS B 83 -18.40 16.91 16.82
N VAL B 84 -17.45 16.18 16.23
CA VAL B 84 -17.02 16.38 14.85
C VAL B 84 -18.09 15.93 13.86
N ALA B 85 -18.73 14.80 14.13
CA ALA B 85 -19.81 14.34 13.28
C ALA B 85 -20.92 15.38 13.30
N GLU B 86 -21.09 16.04 14.45
CA GLU B 86 -22.09 17.08 14.60
C GLU B 86 -21.82 18.27 13.69
N VAL B 87 -20.62 18.85 13.77
CA VAL B 87 -20.30 20.00 12.92
C VAL B 87 -20.26 19.63 11.43
N LYS B 88 -19.81 18.42 11.10
CA LYS B 88 -19.89 17.95 9.71
C LYS B 88 -21.35 17.94 9.22
N LYS B 89 -22.28 17.59 10.11
CA LYS B 89 -23.70 17.60 9.80
C LYS B 89 -24.21 19.03 9.59
N ASN B 90 -23.55 19.99 10.23
CA ASN B 90 -23.90 21.40 10.09
C ASN B 90 -23.26 22.04 8.86
N GLY B 91 -22.83 21.20 7.92
CA GLY B 91 -22.15 21.66 6.71
C GLY B 91 -20.87 22.44 6.90
N ARG B 92 -20.09 22.07 7.92
CA ARG B 92 -18.92 22.85 8.30
C ARG B 92 -17.65 21.99 8.31
N ILE B 93 -16.52 22.63 8.06
CA ILE B 93 -15.22 21.98 8.24
C ILE B 93 -14.90 21.94 9.72
N SER B 94 -14.64 20.73 10.25
CA SER B 94 -14.30 20.60 11.66
C SER B 94 -12.86 21.03 11.89
N LEU B 95 -12.66 21.85 12.92
CA LEU B 95 -11.36 22.42 13.23
C LEU B 95 -11.03 22.13 14.69
N VAL B 96 -10.27 21.07 14.92
CA VAL B 96 -9.95 20.62 16.27
C VAL B 96 -8.64 21.23 16.78
N LEU B 97 -8.70 21.94 17.91
CA LEU B 97 -7.51 22.49 18.54
C LEU B 97 -7.04 21.58 19.68
N GLY B 98 -6.01 20.78 19.44
CA GLY B 98 -5.47 19.89 20.46
C GLY B 98 -4.67 20.67 21.49
N GLY B 99 -4.29 20.00 22.58
CA GLY B 99 -4.57 18.59 22.77
C GLY B 99 -3.46 17.74 22.18
N ASP B 100 -3.29 16.54 22.74
CA ASP B 100 -2.32 15.58 22.19
C ASP B 100 -2.95 14.81 21.04
N HIS B 101 -2.11 14.18 20.22
CA HIS B 101 -2.56 13.58 18.97
C HIS B 101 -3.44 12.32 19.10
N SER B 102 -3.65 11.83 20.32
CA SER B 102 -4.52 10.65 20.47
C SER B 102 -5.94 11.02 20.05
N LEU B 103 -6.27 12.30 20.19
CA LEU B 103 -7.57 12.81 19.80
C LEU B 103 -7.93 12.53 18.34
N ALA B 104 -6.91 12.27 17.51
CA ALA B 104 -7.17 12.02 16.08
C ALA B 104 -8.00 10.76 15.88
N ILE B 105 -7.95 9.84 16.84
CA ILE B 105 -8.88 8.71 16.78
C ILE B 105 -10.32 9.27 16.73
N GLY B 106 -10.67 10.14 17.67
CA GLY B 106 -11.99 10.74 17.67
C GLY B 106 -12.27 11.63 16.48
N SER B 107 -11.30 12.49 16.17
CA SER B 107 -11.42 13.43 15.06
C SER B 107 -11.76 12.72 13.74
N ILE B 108 -10.84 11.86 13.29
CA ILE B 108 -11.04 11.14 12.04
C ILE B 108 -12.29 10.26 12.08
N SER B 109 -12.54 9.60 13.21
CA SER B 109 -13.70 8.71 13.34
C SER B 109 -15.01 9.45 13.16
N GLY B 110 -15.16 10.54 13.89
CA GLY B 110 -16.36 11.37 13.81
C GLY B 110 -16.54 11.91 12.41
N HIS B 111 -15.43 12.36 11.82
CA HIS B 111 -15.43 12.86 10.45
C HIS B 111 -15.92 11.79 9.48
N ALA B 112 -15.32 10.60 9.56
CA ALA B 112 -15.62 9.51 8.63
C ALA B 112 -17.04 8.94 8.82
N ARG B 113 -17.65 9.25 9.96
CA ARG B 113 -19.06 8.92 10.19
C ARG B 113 -19.92 9.62 9.15
N VAL B 114 -19.62 10.89 8.88
CA VAL B 114 -20.36 11.63 7.86
C VAL B 114 -19.77 11.43 6.46
N HIS B 115 -18.44 11.40 6.36
CA HIS B 115 -17.79 11.25 5.05
C HIS B 115 -16.84 10.08 5.09
N PRO B 116 -17.36 8.86 4.96
CA PRO B 116 -16.54 7.65 5.08
C PRO B 116 -15.59 7.46 3.91
N ASP B 117 -15.70 8.32 2.90
CA ASP B 117 -14.81 8.29 1.74
C ASP B 117 -13.62 9.27 1.84
N LEU B 118 -13.44 9.86 3.03
CA LEU B 118 -12.36 10.83 3.23
C LEU B 118 -10.99 10.19 3.06
N GLY B 119 -10.01 11.01 2.70
CA GLY B 119 -8.62 10.60 2.66
C GLY B 119 -7.87 11.43 3.67
N VAL B 120 -6.77 10.90 4.20
CA VAL B 120 -6.09 11.59 5.30
C VAL B 120 -4.71 12.05 4.88
N ILE B 121 -4.36 13.28 5.22
CA ILE B 121 -2.99 13.75 5.15
C ILE B 121 -2.48 14.02 6.57
N TRP B 122 -1.37 13.35 6.90
CA TRP B 122 -0.86 13.35 8.26
C TRP B 122 0.50 14.00 8.25
N VAL B 123 0.56 15.22 8.77
CA VAL B 123 1.81 15.96 8.82
C VAL B 123 2.40 15.80 10.22
N ASP B 124 3.61 15.25 10.28
CA ASP B 124 4.14 14.81 11.56
C ASP B 124 5.57 14.37 11.37
N ALA B 125 6.39 14.54 12.40
CA ALA B 125 7.73 13.94 12.41
C ALA B 125 7.59 12.44 12.66
N HIS B 126 6.41 12.05 13.15
CA HIS B 126 6.11 10.68 13.59
C HIS B 126 4.94 10.04 12.85
N THR B 127 4.97 8.70 12.73
CA THR B 127 3.91 7.96 12.06
C THR B 127 2.69 7.70 12.96
N ASP B 128 2.90 7.71 14.27
CA ASP B 128 1.81 7.55 15.23
C ASP B 128 1.01 6.30 14.97
N ILE B 129 1.69 5.22 14.62
CA ILE B 129 1.03 4.02 14.16
C ILE B 129 1.44 2.79 14.97
N ASN B 130 2.03 3.01 16.13
CA ASN B 130 2.21 1.93 17.06
C ASN B 130 0.86 1.35 17.47
N THR B 131 0.81 0.04 17.70
CA THR B 131 -0.37 -0.60 18.24
C THR B 131 -0.19 -0.71 19.74
N PRO B 132 -1.25 -1.07 20.47
CA PRO B 132 -1.10 -1.19 21.92
C PRO B 132 -0.06 -2.26 22.28
N LEU B 133 0.34 -3.05 21.30
CA LEU B 133 1.27 -4.15 21.51
C LEU B 133 2.67 -3.91 20.97
N THR B 134 2.85 -2.87 20.14
CA THR B 134 4.18 -2.55 19.62
C THR B 134 4.77 -1.33 20.29
N THR B 135 3.92 -0.52 20.93
CA THR B 135 4.39 0.65 21.65
C THR B 135 5.43 0.23 22.69
N THR B 136 6.42 1.07 22.91
CA THR B 136 7.40 0.79 23.95
C THR B 136 7.33 1.87 25.01
N SER B 137 6.60 2.93 24.73
CA SER B 137 6.45 4.02 25.68
C SER B 137 5.09 3.93 26.35
N GLY B 138 4.11 3.38 25.63
CA GLY B 138 2.76 3.24 26.14
C GLY B 138 1.95 4.52 26.11
N ASN B 139 2.44 5.51 25.39
CA ASN B 139 1.71 6.77 25.25
C ASN B 139 0.77 6.67 24.06
N LEU B 140 -0.52 6.90 24.31
CA LEU B 140 -1.53 6.74 23.27
C LEU B 140 -1.46 7.74 22.10
N HIS B 141 -0.84 8.91 22.31
CA HIS B 141 -0.70 9.89 21.22
C HIS B 141 0.21 9.41 20.10
N GLY B 142 0.89 8.28 20.32
CA GLY B 142 1.72 7.68 19.30
C GLY B 142 1.13 6.39 18.74
N GLN B 143 -0.17 6.20 18.94
CA GLN B 143 -0.89 5.03 18.44
C GLN B 143 -2.13 5.32 17.61
N PRO B 144 -2.52 6.61 17.43
CA PRO B 144 -3.88 6.85 16.91
C PRO B 144 -4.14 6.20 15.55
N VAL B 145 -3.17 6.21 14.67
CA VAL B 145 -3.38 5.68 13.33
C VAL B 145 -3.68 4.16 13.36
N SER B 146 -3.02 3.41 14.23
CA SER B 146 -3.28 1.96 14.34
C SER B 146 -4.77 1.64 14.62
N PHE B 147 -5.39 2.41 15.52
CA PHE B 147 -6.81 2.25 15.82
C PHE B 147 -7.71 2.56 14.64
N LEU B 148 -7.22 3.36 13.71
CA LEU B 148 -8.01 3.84 12.59
C LEU B 148 -7.95 2.90 11.39
N LEU B 149 -6.80 2.27 11.18
CA LEU B 149 -6.55 1.48 9.98
C LEU B 149 -7.30 0.15 9.94
N LYS B 150 -8.12 -0.03 8.92
CA LYS B 150 -8.82 -1.31 8.71
C LYS B 150 -7.86 -2.50 8.68
N GLU B 151 -6.70 -2.34 8.04
CA GLU B 151 -5.78 -3.45 7.88
C GLU B 151 -5.12 -3.91 9.19
N LEU B 152 -5.29 -3.13 10.25
CA LEU B 152 -4.63 -3.42 11.52
C LEU B 152 -5.60 -3.92 12.58
N LYS B 153 -6.87 -3.95 12.21
CA LYS B 153 -7.92 -4.56 13.02
C LYS B 153 -7.62 -6.03 13.13
N GLY B 154 -7.53 -6.54 14.36
CA GLY B 154 -7.05 -7.90 14.57
C GLY B 154 -5.63 -7.88 15.08
N LYS B 155 -4.98 -6.73 14.92
CA LYS B 155 -3.68 -6.47 15.54
C LYS B 155 -3.88 -5.60 16.77
N ILE B 156 -5.06 -5.00 16.89
CA ILE B 156 -5.37 -4.13 18.02
C ILE B 156 -6.16 -4.85 19.11
N PRO B 157 -5.55 -5.06 20.28
CA PRO B 157 -6.24 -5.77 21.37
C PRO B 157 -7.45 -5.01 21.85
N ASP B 158 -8.34 -5.67 22.58
CA ASP B 158 -9.48 -4.98 23.20
C ASP B 158 -9.03 -4.18 24.42
N VAL B 159 -8.80 -2.89 24.22
CA VAL B 159 -8.34 -2.00 25.26
C VAL B 159 -9.48 -1.21 25.88
N PRO B 160 -9.59 -1.23 27.21
CA PRO B 160 -10.64 -0.49 27.89
C PRO B 160 -10.69 0.96 27.42
N GLY B 161 -11.85 1.38 26.91
CA GLY B 161 -12.05 2.75 26.51
C GLY B 161 -12.27 2.90 25.02
N PHE B 162 -12.08 1.82 24.28
CA PHE B 162 -12.05 1.92 22.82
C PHE B 162 -13.01 0.99 22.09
N SER B 163 -13.99 0.44 22.78
CA SER B 163 -14.85 -0.55 22.14
C SER B 163 -15.73 0.10 21.08
N TRP B 164 -15.90 1.42 21.16
CA TRP B 164 -16.74 2.17 20.23
C TRP B 164 -16.07 2.30 18.88
N VAL B 165 -14.75 2.11 18.85
CA VAL B 165 -13.97 2.31 17.64
C VAL B 165 -14.24 1.26 16.57
N THR B 166 -14.50 1.75 15.36
CA THR B 166 -14.55 0.93 14.17
C THR B 166 -13.52 1.52 13.21
N PRO B 167 -12.52 0.72 12.83
CA PRO B 167 -11.50 1.19 11.88
C PRO B 167 -12.15 1.74 10.62
N CYS B 168 -11.86 3.00 10.30
CA CYS B 168 -12.60 3.71 9.26
C CYS B 168 -11.78 4.20 8.07
N ILE B 169 -10.48 3.92 8.06
CA ILE B 169 -9.66 4.25 6.89
C ILE B 169 -8.70 3.12 6.50
N SER B 170 -8.59 2.89 5.19
CA SER B 170 -7.70 1.87 4.66
C SER B 170 -6.30 2.40 4.46
N ALA B 171 -5.32 1.50 4.42
CA ALA B 171 -3.93 1.87 4.22
C ALA B 171 -3.75 2.75 2.97
N LYS B 172 -4.55 2.50 1.94
CA LYS B 172 -4.39 3.21 0.67
C LYS B 172 -4.92 4.64 0.69
N ASP B 173 -5.55 5.04 1.79
CA ASP B 173 -6.20 6.35 1.83
C ASP B 173 -5.60 7.36 2.79
N ILE B 174 -4.35 7.15 3.18
CA ILE B 174 -3.64 8.11 4.02
C ILE B 174 -2.24 8.41 3.45
N VAL B 175 -1.81 9.66 3.61
CA VAL B 175 -0.47 10.05 3.17
C VAL B 175 0.26 10.77 4.30
N TYR B 176 1.47 10.30 4.61
CA TYR B 176 2.33 10.96 5.58
C TYR B 176 3.22 12.00 4.92
N ILE B 177 3.42 13.12 5.58
CA ILE B 177 4.43 14.10 5.14
C ILE B 177 5.24 14.57 6.36
N GLY B 178 6.55 14.44 6.29
CA GLY B 178 7.39 15.00 7.34
C GLY B 178 8.12 14.01 8.25
N LEU B 179 7.91 12.71 8.05
CA LEU B 179 8.49 11.68 8.94
C LEU B 179 10.00 11.78 9.11
N ARG B 180 10.46 11.66 10.35
CA ARG B 180 11.88 11.58 10.61
C ARG B 180 12.25 10.86 11.93
N ASP B 181 11.25 10.32 12.62
CA ASP B 181 11.50 9.52 13.82
C ASP B 181 10.44 8.43 14.00
N VAL B 182 10.63 7.34 13.27
CA VAL B 182 9.67 6.24 13.19
C VAL B 182 10.23 5.03 13.91
N ASP B 183 9.47 4.46 14.84
CA ASP B 183 9.91 3.30 15.60
C ASP B 183 10.07 2.12 14.67
N PRO B 184 10.93 1.14 15.04
CA PRO B 184 11.18 -0.04 14.20
C PRO B 184 9.90 -0.79 13.78
N GLY B 185 8.97 -0.97 14.73
CA GLY B 185 7.73 -1.65 14.44
C GLY B 185 6.83 -0.81 13.55
N GLU B 186 6.86 0.50 13.76
CA GLU B 186 6.09 1.40 12.90
C GLU B 186 6.56 1.33 11.46
N HIS B 187 7.87 1.27 11.27
CA HIS B 187 8.45 1.18 9.92
C HIS B 187 8.01 -0.12 9.24
N TYR B 188 8.03 -1.21 10.01
CA TYR B 188 7.55 -2.48 9.51
C TYR B 188 6.09 -2.39 9.04
N ILE B 189 5.26 -1.71 9.82
CA ILE B 189 3.87 -1.46 9.43
C ILE B 189 3.76 -0.64 8.13
N LEU B 190 4.52 0.46 8.06
CA LEU B 190 4.53 1.31 6.87
C LEU B 190 4.75 0.51 5.60
N LYS B 191 5.88 -0.18 5.58
CA LYS B 191 6.38 -0.86 4.41
C LYS B 191 5.55 -2.10 4.08
N THR B 192 5.11 -2.82 5.11
CA THR B 192 4.30 -4.01 4.92
C THR B 192 2.94 -3.69 4.34
N LEU B 193 2.27 -2.70 4.93
CA LEU B 193 0.92 -2.34 4.52
C LEU B 193 0.93 -1.44 3.28
N GLY B 194 2.09 -0.87 3.00
CA GLY B 194 2.28 -0.10 1.78
C GLY B 194 1.64 1.27 1.86
N ILE B 195 1.72 1.89 3.02
CA ILE B 195 1.13 3.21 3.24
C ILE B 195 2.00 4.28 2.58
N LYS B 196 1.38 5.22 1.90
CA LYS B 196 2.12 6.29 1.22
C LYS B 196 2.73 7.28 2.22
N TYR B 197 4.02 7.53 2.06
CA TYR B 197 4.67 8.52 2.91
C TYR B 197 5.66 9.35 2.12
N PHE B 198 5.81 10.59 2.57
CA PHE B 198 6.93 11.42 2.18
C PHE B 198 7.69 11.78 3.45
N SER B 199 8.74 11.01 3.76
CA SER B 199 9.59 11.34 4.90
C SER B 199 10.41 12.57 4.52
N MET B 200 11.15 13.13 5.48
CA MET B 200 12.02 14.25 5.14
C MET B 200 12.99 13.92 4.00
N THR B 201 13.36 12.65 3.86
CA THR B 201 14.18 12.18 2.74
C THR B 201 13.52 12.46 1.39
N GLU B 202 12.24 12.14 1.27
CA GLU B 202 11.47 12.41 0.05
C GLU B 202 11.25 13.91 -0.18
N VAL B 203 10.97 14.65 0.89
CA VAL B 203 10.82 16.09 0.79
C VAL B 203 12.12 16.71 0.28
N ASP B 204 13.24 16.25 0.82
CA ASP B 204 14.55 16.68 0.34
C ASP B 204 14.71 16.34 -1.14
N ARG B 205 14.33 15.12 -1.50
CA ARG B 205 14.53 14.60 -2.84
C ARG B 205 13.68 15.31 -3.88
N LEU B 206 12.39 15.44 -3.58
CA LEU B 206 11.40 15.95 -4.53
C LEU B 206 11.19 17.48 -4.48
N GLY B 207 11.43 18.07 -3.32
CA GLY B 207 11.02 19.44 -3.07
C GLY B 207 9.57 19.38 -2.66
N ILE B 208 9.13 20.33 -1.82
CA ILE B 208 7.78 20.28 -1.28
C ILE B 208 6.74 20.47 -2.39
N GLY B 209 7.16 21.09 -3.50
CA GLY B 209 6.27 21.28 -4.63
C GLY B 209 5.81 19.94 -5.19
N LYS B 210 6.77 19.10 -5.55
CA LYS B 210 6.44 17.80 -6.11
C LYS B 210 5.75 16.92 -5.06
N VAL B 211 6.16 17.07 -3.79
CA VAL B 211 5.55 16.30 -2.71
C VAL B 211 4.04 16.50 -2.66
N MET B 212 3.60 17.74 -2.86
CA MET B 212 2.18 18.06 -2.76
C MET B 212 1.45 17.62 -4.02
N GLU B 213 2.11 17.76 -5.16
CA GLU B 213 1.52 17.29 -6.40
C GLU B 213 1.26 15.79 -6.32
N GLU B 214 2.27 15.04 -5.89
CA GLU B 214 2.15 13.59 -5.80
C GLU B 214 1.21 13.15 -4.68
N THR B 215 1.23 13.86 -3.57
CA THR B 215 0.31 13.57 -2.47
C THR B 215 -1.15 13.71 -2.86
N LEU B 216 -1.48 14.82 -3.51
CA LEU B 216 -2.87 15.08 -3.85
C LEU B 216 -3.33 14.22 -5.01
N SER B 217 -2.43 13.93 -5.94
CA SER B 217 -2.77 13.07 -7.06
C SER B 217 -2.97 11.63 -6.59
N TYR B 218 -2.26 11.25 -5.53
CA TYR B 218 -2.41 9.93 -4.93
C TYR B 218 -3.75 9.76 -4.20
N LEU B 219 -4.22 10.82 -3.56
CA LEU B 219 -5.48 10.77 -2.82
C LEU B 219 -6.69 11.16 -3.68
N LEU B 220 -6.45 11.95 -4.73
CA LEU B 220 -7.54 12.51 -5.54
C LEU B 220 -7.58 12.01 -6.98
N GLY B 221 -6.63 11.16 -7.34
CA GLY B 221 -6.57 10.58 -8.67
C GLY B 221 -7.87 9.91 -9.08
N ARG B 222 -8.17 8.77 -8.45
CA ARG B 222 -9.39 8.02 -8.73
C ARG B 222 -10.62 8.94 -8.74
N LYS B 223 -10.75 9.76 -7.70
CA LYS B 223 -11.87 10.68 -7.57
C LYS B 223 -11.65 11.71 -6.49
N LYS B 224 -12.43 12.78 -6.56
CA LYS B 224 -12.48 13.79 -5.53
C LYS B 224 -13.20 13.26 -4.30
N ARG B 225 -12.56 13.40 -3.15
CA ARG B 225 -13.18 13.00 -1.89
C ARG B 225 -12.73 13.97 -0.81
N PRO B 226 -13.51 14.07 0.27
CA PRO B 226 -13.16 14.89 1.44
C PRO B 226 -11.75 14.63 1.95
N ILE B 227 -11.07 15.70 2.39
CA ILE B 227 -9.72 15.59 2.92
C ILE B 227 -9.66 15.96 4.40
N HIS B 228 -9.01 15.10 5.19
CA HIS B 228 -8.78 15.40 6.60
C HIS B 228 -7.31 15.65 6.79
N LEU B 229 -6.95 16.86 7.21
CA LEU B 229 -5.56 17.17 7.55
C LEU B 229 -5.32 17.08 9.06
N SER B 230 -4.53 16.10 9.48
CA SER B 230 -4.10 16.02 10.86
C SER B 230 -2.69 16.59 11.00
N PHE B 231 -2.59 17.79 11.57
CA PHE B 231 -1.32 18.50 11.61
C PHE B 231 -0.70 18.46 13.02
N ASP B 232 0.35 17.67 13.17
CA ASP B 232 1.15 17.68 14.40
C ASP B 232 2.22 18.75 14.22
N VAL B 233 2.24 19.73 15.12
CA VAL B 233 3.16 20.85 14.99
C VAL B 233 4.62 20.43 15.04
N ASP B 234 4.90 19.22 15.53
CA ASP B 234 6.29 18.74 15.53
C ASP B 234 6.73 18.22 14.16
N GLY B 235 5.82 18.27 13.18
CA GLY B 235 6.21 17.97 11.81
C GLY B 235 7.12 19.06 11.28
N LEU B 236 6.88 20.29 11.72
CA LEU B 236 7.76 21.43 11.43
C LEU B 236 8.99 21.45 12.36
N ASP B 237 10.08 22.03 11.88
CA ASP B 237 11.35 22.03 12.61
C ASP B 237 11.20 22.75 13.94
N PRO B 238 11.90 22.27 14.98
CA PRO B 238 11.81 22.86 16.33
C PRO B 238 12.23 24.33 16.39
N SER B 239 12.84 24.84 15.34
CA SER B 239 13.20 26.26 15.29
C SER B 239 12.00 27.13 14.95
N PHE B 240 10.90 26.49 14.55
CA PHE B 240 9.66 27.21 14.28
C PHE B 240 8.56 26.85 15.28
N THR B 241 8.56 25.59 15.69
CA THR B 241 7.58 25.13 16.66
C THR B 241 8.25 24.42 17.84
N PRO B 242 9.09 25.16 18.59
CA PRO B 242 9.85 24.59 19.71
C PRO B 242 8.96 24.10 20.86
N ALA B 243 7.85 24.78 21.12
CA ALA B 243 6.99 24.43 22.25
C ALA B 243 6.06 23.23 21.95
N THR B 244 6.66 22.04 21.90
CA THR B 244 5.93 20.82 21.60
C THR B 244 6.64 19.63 22.27
N GLY B 245 5.90 18.56 22.53
CA GLY B 245 6.36 17.46 23.37
C GLY B 245 7.50 16.62 22.85
N THR B 246 7.57 16.43 21.55
CA THR B 246 8.60 15.57 20.97
C THR B 246 9.24 16.20 19.73
N PRO B 247 10.08 17.22 19.94
CA PRO B 247 10.70 17.92 18.80
C PRO B 247 11.73 17.01 18.16
N VAL B 248 11.85 17.06 16.84
CA VAL B 248 12.93 16.36 16.13
C VAL B 248 13.59 17.30 15.11
N VAL B 249 14.91 17.37 15.16
CA VAL B 249 15.65 18.25 14.25
C VAL B 249 15.43 17.87 12.79
N GLY B 250 15.66 18.80 11.89
CA GLY B 250 15.61 18.53 10.46
C GLY B 250 14.21 18.50 9.87
N GLY B 251 13.30 19.29 10.47
CA GLY B 251 11.90 19.24 10.12
C GLY B 251 11.53 20.12 8.95
N LEU B 252 10.23 20.17 8.64
CA LEU B 252 9.71 21.06 7.61
C LEU B 252 9.91 22.51 8.04
N THR B 253 10.30 23.35 7.08
CA THR B 253 10.48 24.77 7.34
C THR B 253 9.13 25.46 7.41
N TYR B 254 9.15 26.72 7.82
CA TYR B 254 7.93 27.51 7.92
C TYR B 254 7.27 27.58 6.56
N ARG B 255 8.05 27.92 5.54
CA ARG B 255 7.55 28.01 4.17
C ARG B 255 6.90 26.71 3.69
N GLU B 256 7.50 25.57 4.01
CA GLU B 256 6.96 24.28 3.60
C GLU B 256 5.63 24.00 4.28
N GLY B 257 5.50 24.43 5.54
CA GLY B 257 4.26 24.30 6.26
C GLY B 257 3.14 25.06 5.58
N LEU B 258 3.43 26.32 5.27
CA LEU B 258 2.46 27.16 4.56
C LEU B 258 2.17 26.64 3.16
N TYR B 259 3.17 26.10 2.48
CA TYR B 259 2.93 25.56 1.15
C TYR B 259 2.00 24.34 1.17
N ILE B 260 2.26 23.43 2.10
CA ILE B 260 1.42 22.26 2.26
C ILE B 260 -0.03 22.67 2.41
N THR B 261 -0.28 23.61 3.32
CA THR B 261 -1.63 23.99 3.69
C THR B 261 -2.27 24.93 2.65
N GLU B 262 -1.45 25.74 1.99
CA GLU B 262 -1.90 26.50 0.83
C GLU B 262 -2.37 25.57 -0.27
N GLU B 263 -1.65 24.49 -0.52
CA GLU B 263 -2.07 23.54 -1.56
C GLU B 263 -3.32 22.75 -1.19
N ILE B 264 -3.47 22.37 0.08
CA ILE B 264 -4.68 21.68 0.51
C ILE B 264 -5.93 22.60 0.43
N TYR B 265 -5.77 23.89 0.75
CA TYR B 265 -6.87 24.83 0.59
C TYR B 265 -7.39 24.85 -0.85
N LYS B 266 -6.46 24.86 -1.81
CA LYS B 266 -6.84 25.05 -3.21
C LYS B 266 -7.49 23.84 -3.87
N THR B 267 -7.53 22.70 -3.19
CA THR B 267 -8.29 21.57 -3.70
C THR B 267 -9.77 21.84 -3.49
N GLY B 268 -10.08 22.64 -2.48
CA GLY B 268 -11.45 22.89 -2.08
C GLY B 268 -12.09 21.69 -1.39
N LEU B 269 -11.27 20.73 -0.97
CA LEU B 269 -11.80 19.49 -0.40
C LEU B 269 -11.50 19.28 1.09
N LEU B 270 -10.77 20.22 1.69
CA LEU B 270 -10.54 20.14 3.14
C LEU B 270 -11.89 20.07 3.84
N SER B 271 -12.09 19.04 4.66
CA SER B 271 -13.35 18.95 5.44
C SER B 271 -13.13 18.79 6.94
N GLY B 272 -11.90 18.46 7.34
CA GLY B 272 -11.55 18.32 8.74
C GLY B 272 -10.09 18.68 8.96
N LEU B 273 -9.80 19.32 10.09
CA LEU B 273 -8.43 19.74 10.35
C LEU B 273 -8.12 19.60 11.82
N ASP B 274 -6.94 19.05 12.12
CA ASP B 274 -6.45 18.98 13.50
C ASP B 274 -5.17 19.80 13.61
N ILE B 275 -5.11 20.71 14.58
CA ILE B 275 -3.87 21.39 14.94
C ILE B 275 -3.43 20.88 16.30
N MET B 276 -2.46 19.96 16.31
CA MET B 276 -2.19 19.19 17.51
C MET B 276 -0.80 19.35 18.12
N GLU B 277 -0.71 19.06 19.42
CA GLU B 277 0.55 18.97 20.15
C GLU B 277 1.25 20.31 20.43
N VAL B 278 0.51 21.40 20.38
CA VAL B 278 1.05 22.67 20.87
C VAL B 278 1.03 22.64 22.39
N ASN B 279 2.19 22.85 23.00
CA ASN B 279 2.29 22.78 24.44
C ASN B 279 3.06 23.98 24.98
N PRO B 280 2.33 25.09 25.25
CA PRO B 280 2.98 26.33 25.65
C PRO B 280 3.90 26.17 26.86
N SER B 281 3.57 25.25 27.76
CA SER B 281 4.37 25.03 28.98
C SER B 281 5.77 24.50 28.71
N LEU B 282 6.07 24.17 27.45
CA LEU B 282 7.35 23.55 27.11
C LEU B 282 8.29 24.44 26.29
N GLY B 283 7.89 25.68 26.02
CA GLY B 283 8.80 26.61 25.38
C GLY B 283 9.79 27.07 26.42
N LYS B 284 11.06 27.27 26.06
CA LYS B 284 12.07 27.65 27.05
C LYS B 284 12.02 29.13 27.42
N THR B 285 11.60 29.96 26.48
CA THR B 285 11.39 31.38 26.69
C THR B 285 9.96 31.70 26.29
N PRO B 286 9.48 32.90 26.65
CA PRO B 286 8.11 33.26 26.23
C PRO B 286 8.04 33.54 24.72
N GLU B 287 9.17 33.80 24.10
CA GLU B 287 9.22 33.99 22.67
C GLU B 287 9.07 32.65 21.94
N GLU B 288 9.65 31.60 22.52
CA GLU B 288 9.49 30.27 21.96
C GLU B 288 8.02 29.84 22.00
N VAL B 289 7.28 30.39 22.96
CA VAL B 289 5.86 30.14 23.04
C VAL B 289 5.13 30.81 21.88
N THR B 290 5.32 32.12 21.73
CA THR B 290 4.70 32.90 20.66
C THR B 290 5.09 32.45 19.26
N ARG B 291 6.33 32.01 19.09
CA ARG B 291 6.82 31.52 17.82
C ARG B 291 6.01 30.29 17.42
N THR B 292 5.73 29.43 18.39
CA THR B 292 5.04 28.17 18.12
C THR B 292 3.57 28.39 17.85
N VAL B 293 2.93 29.17 18.71
CA VAL B 293 1.52 29.49 18.58
C VAL B 293 1.27 30.27 17.30
N ASN B 294 2.11 31.27 17.04
CA ASN B 294 1.98 32.08 15.82
C ASN B 294 2.17 31.29 14.54
N THR B 295 3.11 30.36 14.55
CA THR B 295 3.30 29.49 13.41
C THR B 295 2.08 28.60 13.21
N ALA B 296 1.53 28.10 14.32
CA ALA B 296 0.33 27.27 14.31
C ALA B 296 -0.86 28.03 13.72
N VAL B 297 -1.01 29.28 14.12
CA VAL B 297 -2.11 30.09 13.62
C VAL B 297 -1.91 30.37 12.14
N ALA B 298 -0.67 30.68 11.76
CA ALA B 298 -0.32 30.90 10.36
C ALA B 298 -0.73 29.71 9.51
N ILE B 299 -0.34 28.50 9.92
CA ILE B 299 -0.74 27.25 9.26
C ILE B 299 -2.26 27.11 9.14
N THR B 300 -2.97 27.36 10.23
CA THR B 300 -4.42 27.21 10.23
C THR B 300 -5.06 28.18 9.26
N LEU B 301 -4.58 29.43 9.23
CA LEU B 301 -5.11 30.43 8.30
C LEU B 301 -4.91 30.05 6.82
N ALA B 302 -3.73 29.55 6.47
CA ALA B 302 -3.49 29.05 5.11
C ALA B 302 -4.45 27.92 4.73
N CYS B 303 -4.86 27.10 5.68
CA CYS B 303 -5.82 26.04 5.40
C CYS B 303 -7.16 26.62 4.96
N PHE B 304 -7.42 27.86 5.32
CA PHE B 304 -8.72 28.47 5.01
C PHE B 304 -8.59 29.65 4.07
N GLY B 305 -7.57 29.61 3.22
CA GLY B 305 -7.49 30.52 2.09
C GLY B 305 -6.51 31.69 2.18
N LEU B 306 -5.84 31.85 3.31
CA LEU B 306 -4.84 32.91 3.43
C LEU B 306 -3.70 32.54 2.51
N ALA B 307 -3.45 33.37 1.50
CA ALA B 307 -2.40 33.09 0.51
C ALA B 307 -1.26 34.12 0.56
N ARG B 308 -0.04 33.63 0.45
CA ARG B 308 1.12 34.51 0.51
C ARG B 308 1.19 35.47 -0.68
N GLU B 309 0.61 35.06 -1.81
CA GLU B 309 0.55 35.94 -2.98
C GLU B 309 -0.41 37.09 -2.71
N GLY B 310 -1.29 36.89 -1.73
CA GLY B 310 -2.22 37.91 -1.30
C GLY B 310 -3.64 37.46 -1.48
N ASN B 311 -4.56 38.26 -0.95
CA ASN B 311 -5.99 37.99 -1.05
C ASN B 311 -6.76 39.29 -1.22
N HIS B 312 -7.93 39.20 -1.86
CA HIS B 312 -8.82 40.35 -1.95
C HIS B 312 -10.24 39.86 -2.11
N LYS B 313 -11.20 40.68 -1.72
CA LYS B 313 -12.60 40.33 -1.87
C LYS B 313 -13.16 40.81 -3.20
N PRO B 314 -14.29 40.24 -3.62
CA PRO B 314 -14.93 40.55 -4.92
C PRO B 314 -15.46 41.97 -5.01
N ILE B 315 -14.73 42.94 -4.48
CA ILE B 315 -15.09 44.33 -4.65
C ILE B 315 -14.09 44.98 -5.59
N ASP B 316 -14.34 46.22 -5.99
CA ASP B 316 -13.44 46.91 -6.91
C ASP B 316 -12.53 47.86 -6.14
N TYR B 317 -11.21 47.66 -6.27
CA TYR B 317 -10.24 48.38 -5.46
C TYR B 317 -9.73 49.66 -6.13
N LEU B 318 -9.97 49.77 -7.43
CA LEU B 318 -9.53 50.93 -8.19
C LEU B 318 -10.68 51.87 -8.49
#